data_6H96
#
_entry.id   6H96
#
_cell.length_a   54.142
_cell.length_b   123.181
_cell.length_c   161.060
_cell.angle_alpha   90.00
_cell.angle_beta   90.00
_cell.angle_gamma   90.00
#
_symmetry.space_group_name_H-M   'C 2 2 21'
#
loop_
_entity.id
_entity.type
_entity.pdbx_description
1 polymer 'Albicidin resistance protein'
2 non-polymer '4-[[4-[[4-[(3~{S})-5-azanyl-3-[[4-[[(~{E})-3-(4-hydroxyphenyl)-2-methyl-prop-2-enoyl]amino]phenyl]carbonylamino]-2-oxidanylidene-3~{H}-pyrrol-1-yl]phenyl]carbonylamino]-3-methoxy-2-oxidanyl-phenyl]carbonylamino]-3-methoxy-2-oxidanyl-benzoic acid'
3 non-polymer 'SULFATE ION'
4 water water
#
_entity_poly.entity_id   1
_entity_poly.type   'polypeptide(L)'
_entity_poly.pdbx_seq_one_letter_code
;GS(MSE)K(MSE)YDRWFSQQELQVLPFAEQDEQRNQTWLELVGEAQQL(MSE)DERCPADEPRAIALATRW(MSE)EQL
EQDTAGRPEFLTRLNE(MSE)HAAEPQ(MSE)REQTGVTPE(MSE)IDFITRAFAESKLAIWARYLNDEELAFTRQHYFD
RL(MSE)EWPALVADLHRACREKRDPASPGGQQLAQRWLALFQSYAGKDAQTQQKFRYA(MSE)EQEPHL(MSE)KGTW
(MSE)TSEVLSWLQQAIGV(MSE)(MSE)RQAQGLPPNN
;
_entity_poly.pdbx_strand_id   A,B
#
# COMPACT_ATOMS: atom_id res chain seq x y z
N LYS A 4 -20.16 21.59 -4.13
CA LYS A 4 -21.21 20.97 -3.34
C LYS A 4 -20.64 19.86 -2.47
N TYR A 6 -17.43 19.35 -1.84
CA TYR A 6 -16.42 19.91 -0.96
C TYR A 6 -17.05 20.44 0.33
N ASP A 7 -18.31 20.87 0.28
CA ASP A 7 -18.95 21.45 1.46
C ASP A 7 -19.11 20.43 2.58
N ARG A 8 -19.25 19.15 2.25
CA ARG A 8 -19.39 18.12 3.26
C ARG A 8 -18.07 17.75 3.92
N TRP A 9 -16.94 18.23 3.39
CA TRP A 9 -15.63 17.76 3.81
C TRP A 9 -14.67 18.85 4.23
N PHE A 10 -14.95 20.12 3.90
CA PHE A 10 -14.12 21.23 4.29
C PHE A 10 -14.97 22.28 4.99
N SER A 11 -14.39 22.93 6.00
CA SER A 11 -15.03 24.08 6.60
C SER A 11 -15.09 25.22 5.59
N GLN A 12 -16.06 26.12 5.78
CA GLN A 12 -16.20 27.22 4.83
C GLN A 12 -14.98 28.12 4.84
N GLN A 13 -14.25 28.16 5.96
CA GLN A 13 -12.96 28.85 5.98
C GLN A 13 -11.94 28.12 5.11
N GLU A 14 -11.87 26.78 5.24
CA GLU A 14 -10.96 26.01 4.41
C GLU A 14 -11.29 26.15 2.93
N LEU A 15 -12.58 26.23 2.60
CA LEU A 15 -12.98 26.39 1.20
C LEU A 15 -12.47 27.69 0.61
N GLN A 16 -12.21 28.71 1.44
CA GLN A 16 -11.67 29.97 0.95
C GLN A 16 -10.23 29.85 0.47
N VAL A 17 -9.50 28.83 0.94
CA VAL A 17 -8.10 28.65 0.61
C VAL A 17 -7.83 27.37 -0.16
N LEU A 18 -8.86 26.56 -0.43
CA LEU A 18 -8.70 25.34 -1.21
C LEU A 18 -8.89 25.67 -2.68
N PRO A 19 -7.83 25.66 -3.49
CA PRO A 19 -8.02 26.06 -4.91
C PRO A 19 -9.04 25.22 -5.65
N PHE A 20 -9.15 23.92 -5.33
CA PHE A 20 -10.17 23.10 -5.97
C PHE A 20 -11.55 23.74 -5.90
N ALA A 21 -11.83 24.48 -4.81
CA ALA A 21 -13.14 25.08 -4.61
C ALA A 21 -13.28 26.44 -5.27
N GLU A 22 -12.23 26.94 -5.92
CA GLU A 22 -12.34 28.18 -6.69
C GLU A 22 -13.11 27.93 -7.99
N GLN A 23 -13.80 28.96 -8.45
CA GLN A 23 -14.34 28.97 -9.80
C GLN A 23 -13.19 29.30 -10.76
N ASP A 24 -12.70 28.30 -11.49
CA ASP A 24 -11.59 28.50 -12.41
C ASP A 24 -11.75 27.57 -13.59
N GLU A 25 -11.94 28.14 -14.78
CA GLU A 25 -12.17 27.32 -15.97
C GLU A 25 -10.94 26.50 -16.32
N GLN A 26 -9.76 27.10 -16.25
CA GLN A 26 -8.54 26.40 -16.66
C GLN A 26 -8.26 25.22 -15.73
N ARG A 27 -8.43 25.41 -14.41
CA ARG A 27 -8.21 24.31 -13.49
C ARG A 27 -9.13 23.13 -13.82
N ASN A 28 -10.41 23.41 -14.10
CA ASN A 28 -11.33 22.34 -14.47
C ASN A 28 -10.89 21.66 -15.77
N GLN A 29 -10.50 22.46 -16.77
CA GLN A 29 -10.04 21.89 -18.03
C GLN A 29 -8.78 21.05 -17.81
N THR A 30 -7.85 21.53 -16.99
CA THR A 30 -6.63 20.78 -16.71
C THR A 30 -6.95 19.39 -16.17
N TRP A 31 -7.87 19.31 -15.21
CA TRP A 31 -8.18 18.02 -14.60
C TRP A 31 -9.00 17.15 -15.54
N LEU A 32 -9.87 17.75 -16.36
CA LEU A 32 -10.53 16.98 -17.41
C LEU A 32 -9.52 16.29 -18.30
N GLU A 33 -8.45 17.02 -18.68
CA GLU A 33 -7.42 16.43 -19.53
C GLU A 33 -6.63 15.36 -18.77
N LEU A 34 -6.21 15.66 -17.54
CA LEU A 34 -5.40 14.71 -16.78
C LEU A 34 -6.15 13.41 -16.53
N VAL A 35 -7.45 13.51 -16.22
CA VAL A 35 -8.25 12.31 -15.98
C VAL A 35 -8.49 11.57 -17.28
N GLY A 36 -8.89 12.30 -18.33
CA GLY A 36 -9.13 11.66 -19.61
C GLY A 36 -7.89 10.97 -20.16
N GLU A 37 -6.73 11.60 -20.00
CA GLU A 37 -5.49 11.01 -20.51
C GLU A 37 -5.08 9.80 -19.70
N ALA A 38 -5.29 9.82 -18.39
CA ALA A 38 -5.02 8.64 -17.58
C ALA A 38 -5.91 7.48 -18.02
N GLN A 39 -7.20 7.73 -18.20
CA GLN A 39 -8.10 6.65 -18.61
C GLN A 39 -7.74 6.12 -19.99
N GLN A 40 -7.25 6.99 -20.88
CA GLN A 40 -6.88 6.54 -22.21
C GLN A 40 -5.67 5.60 -22.14
N LEU A 41 -4.66 5.95 -21.34
CA LEU A 41 -3.51 5.06 -21.19
C LEU A 41 -3.94 3.72 -20.60
N ASP A 43 -6.93 2.36 -20.78
CA ASP A 43 -7.69 1.65 -21.80
C ASP A 43 -6.77 0.92 -22.77
N GLU A 44 -5.61 1.49 -23.06
CA GLU A 44 -4.64 0.90 -23.97
C GLU A 44 -3.66 -0.04 -23.26
N ARG A 45 -3.92 -0.36 -21.99
CA ARG A 45 -3.07 -1.26 -21.22
C ARG A 45 -1.64 -0.72 -21.13
N CYS A 46 -1.51 0.58 -21.04
CA CYS A 46 -0.20 1.20 -20.89
C CYS A 46 0.42 0.83 -19.55
N PRO A 47 1.62 0.25 -19.52
CA PRO A 47 2.27 0.00 -18.23
C PRO A 47 2.64 1.28 -17.52
N ALA A 48 2.69 1.20 -16.19
CA ALA A 48 2.98 2.39 -15.39
C ALA A 48 4.40 2.90 -15.59
N ASP A 49 5.30 2.07 -16.11
CA ASP A 49 6.68 2.47 -16.32
C ASP A 49 6.93 2.94 -17.76
N GLU A 50 5.88 3.23 -18.50
CA GLU A 50 6.01 3.81 -19.83
C GLU A 50 6.19 5.33 -19.70
N PRO A 51 7.04 5.94 -20.53
CA PRO A 51 7.33 7.37 -20.33
C PRO A 51 6.10 8.28 -20.33
N ARG A 52 5.07 7.99 -21.15
CA ARG A 52 3.89 8.85 -21.11
C ARG A 52 3.19 8.75 -19.76
N ALA A 53 3.14 7.55 -19.18
CA ALA A 53 2.52 7.39 -17.87
C ALA A 53 3.32 8.11 -16.79
N ILE A 54 4.65 7.96 -16.83
CA ILE A 54 5.51 8.63 -15.85
C ILE A 54 5.33 10.14 -15.94
N ALA A 55 5.35 10.68 -17.16
CA ALA A 55 5.16 12.12 -17.33
C ALA A 55 3.79 12.57 -16.84
N LEU A 56 2.75 11.80 -17.15
CA LEU A 56 1.41 12.12 -16.68
C LEU A 56 1.34 12.14 -15.16
N ALA A 57 1.94 11.14 -14.51
CA ALA A 57 1.86 11.06 -13.05
C ALA A 57 2.63 12.18 -12.39
N THR A 58 3.79 12.55 -12.93
CA THR A 58 4.53 13.71 -12.43
C THR A 58 3.68 14.96 -12.53
N ARG A 59 2.94 15.13 -13.63
CA ARG A 59 2.08 16.29 -13.78
C ARG A 59 0.91 16.24 -12.82
N TRP A 60 0.31 15.06 -12.64
CA TRP A 60 -0.75 14.88 -11.64
C TRP A 60 -0.31 15.40 -10.28
N GLU A 62 2.20 17.44 -9.42
CA GLU A 62 2.39 18.88 -9.44
C GLU A 62 1.04 19.59 -9.32
N GLN A 63 0.07 19.18 -10.14
CA GLN A 63 -1.23 19.84 -10.13
C GLN A 63 -1.96 19.62 -8.81
N LEU A 64 -1.88 18.41 -8.25
CA LEU A 64 -2.58 18.12 -7.02
C LEU A 64 -2.01 18.91 -5.86
N GLU A 65 -0.69 19.09 -5.80
CA GLU A 65 -0.11 19.91 -4.75
C GLU A 65 -0.51 21.37 -4.93
N GLN A 66 -0.52 21.85 -6.18
CA GLN A 66 -0.97 23.22 -6.44
C GLN A 66 -2.42 23.42 -5.99
N ASP A 67 -3.30 22.46 -6.33
CA ASP A 67 -4.72 22.63 -6.09
C ASP A 67 -5.15 22.27 -4.68
N THR A 68 -4.23 21.73 -3.86
CA THR A 68 -4.44 21.66 -2.42
C THR A 68 -3.68 22.77 -1.70
N ALA A 69 -3.16 23.76 -2.44
CA ALA A 69 -2.41 24.86 -1.86
C ALA A 69 -1.26 24.37 -0.98
N GLY A 70 -0.66 23.24 -1.37
CA GLY A 70 0.46 22.71 -0.63
C GLY A 70 0.15 22.23 0.77
N ARG A 71 -1.13 22.06 1.10
CA ARG A 71 -1.52 21.66 2.44
C ARG A 71 -1.72 20.15 2.50
N PRO A 72 -0.83 19.40 3.16
CA PRO A 72 -1.03 17.95 3.22
C PRO A 72 -2.35 17.56 3.88
N GLU A 73 -2.85 18.36 4.83
CA GLU A 73 -4.13 18.01 5.44
C GLU A 73 -5.28 18.10 4.45
N PHE A 74 -5.14 18.93 3.40
CA PHE A 74 -6.13 18.96 2.35
C PHE A 74 -6.02 17.72 1.46
N LEU A 75 -4.79 17.25 1.22
CA LEU A 75 -4.61 16.00 0.49
C LEU A 75 -5.24 14.84 1.25
N THR A 76 -4.98 14.74 2.55
CA THR A 76 -5.56 13.65 3.34
C THR A 76 -7.09 13.76 3.33
N ARG A 77 -7.62 14.98 3.36
CA ARG A 77 -9.06 15.16 3.32
C ARG A 77 -9.63 14.60 2.02
N LEU A 78 -8.97 14.87 0.89
CA LEU A 78 -9.44 14.33 -0.38
C LEU A 78 -9.44 12.81 -0.37
N ASN A 79 -8.43 12.20 0.25
CA ASN A 79 -8.38 10.75 0.31
C ASN A 79 -9.49 10.19 1.18
N GLU A 80 -9.79 10.86 2.31
CA GLU A 80 -10.97 10.48 3.08
C GLU A 80 -12.22 10.54 2.24
N HIS A 82 -12.49 10.29 -1.10
CA HIS A 82 -12.51 9.22 -2.09
C HIS A 82 -13.01 7.91 -1.50
N ALA A 83 -12.69 7.65 -0.24
CA ALA A 83 -13.10 6.40 0.37
C ALA A 83 -14.57 6.42 0.79
N ALA A 84 -15.06 7.57 1.23
CA ALA A 84 -16.38 7.66 1.85
C ALA A 84 -17.45 8.29 0.97
N GLU A 85 -17.08 9.12 0.01
CA GLU A 85 -18.08 9.74 -0.84
C GLU A 85 -18.48 8.77 -1.95
N PRO A 86 -19.74 8.37 -2.02
CA PRO A 86 -20.16 7.55 -3.17
C PRO A 86 -20.17 8.41 -4.42
N GLN A 87 -19.96 7.76 -5.56
CA GLN A 87 -20.10 8.41 -6.86
C GLN A 87 -19.00 9.45 -7.10
N ARG A 89 -16.35 8.56 -8.74
CA ARG A 89 -16.16 8.27 -10.15
C ARG A 89 -17.06 9.14 -11.01
N GLU A 90 -18.36 9.15 -10.70
CA GLU A 90 -19.33 9.84 -11.53
C GLU A 90 -19.11 11.35 -11.51
N GLN A 91 -18.64 11.90 -10.39
CA GLN A 91 -18.53 13.35 -10.25
C GLN A 91 -17.23 13.88 -10.86
N THR A 92 -16.13 13.15 -10.71
CA THR A 92 -14.82 13.65 -11.11
C THR A 92 -14.14 12.83 -12.19
N GLY A 93 -14.59 11.61 -12.47
CA GLY A 93 -13.87 10.71 -13.32
C GLY A 93 -12.71 9.99 -12.66
N VAL A 94 -12.35 10.39 -11.44
CA VAL A 94 -11.23 9.76 -10.75
C VAL A 94 -11.72 8.51 -10.04
N THR A 95 -11.09 7.38 -10.32
CA THR A 95 -11.43 6.10 -9.76
C THR A 95 -10.29 5.59 -8.89
N PRO A 96 -10.56 4.69 -7.94
CA PRO A 96 -9.46 4.10 -7.18
C PRO A 96 -8.43 3.40 -8.06
N GLU A 97 -8.89 2.75 -9.13
CA GLU A 97 -7.96 2.08 -10.03
C GLU A 97 -7.07 3.07 -10.76
N ILE A 99 -6.14 6.07 -9.48
CA ILE A 99 -5.16 6.54 -8.51
C ILE A 99 -4.06 5.51 -8.33
N ASP A 100 -4.42 4.21 -8.33
CA ASP A 100 -3.41 3.17 -8.25
C ASP A 100 -2.43 3.25 -9.42
N PHE A 101 -2.94 3.49 -10.63
CA PHE A 101 -2.08 3.64 -11.81
C PHE A 101 -1.15 4.84 -11.65
N ILE A 102 -1.70 6.00 -11.28
CA ILE A 102 -0.88 7.19 -11.11
C ILE A 102 0.14 6.98 -10.01
N THR A 103 -0.26 6.34 -8.91
CA THR A 103 0.66 6.05 -7.81
C THR A 103 1.86 5.23 -8.31
N ARG A 104 1.59 4.20 -9.10
CA ARG A 104 2.66 3.32 -9.56
C ARG A 104 3.53 4.01 -10.59
N ALA A 105 2.93 4.81 -11.47
CA ALA A 105 3.71 5.55 -12.45
C ALA A 105 4.58 6.59 -11.78
N PHE A 106 4.08 7.25 -10.73
CA PHE A 106 4.91 8.22 -10.02
C PHE A 106 6.04 7.52 -9.28
N ALA A 107 5.78 6.33 -8.73
CA ALA A 107 6.85 5.53 -8.13
C ALA A 107 7.93 5.22 -9.16
N GLU A 108 7.53 4.85 -10.38
CA GLU A 108 8.51 4.59 -11.43
C GLU A 108 9.36 5.81 -11.72
N SER A 109 8.77 7.01 -11.60
CA SER A 109 9.53 8.23 -11.89
C SER A 109 10.68 8.40 -10.91
N LYS A 110 10.54 7.89 -9.70
CA LYS A 110 11.62 7.95 -8.71
C LYS A 110 12.54 6.74 -8.79
N LEU A 111 11.98 5.55 -9.05
CA LEU A 111 12.82 4.37 -9.26
C LEU A 111 13.74 4.55 -10.46
N ALA A 112 13.30 5.30 -11.47
CA ALA A 112 14.15 5.56 -12.62
C ALA A 112 15.38 6.36 -12.25
N ILE A 113 15.28 7.18 -11.19
CA ILE A 113 16.42 7.96 -10.69
C ILE A 113 17.25 7.15 -9.71
N TRP A 114 16.60 6.49 -8.75
CA TRP A 114 17.32 5.69 -7.77
C TRP A 114 18.17 4.63 -8.44
N ALA A 115 17.80 4.19 -9.65
CA ALA A 115 18.58 3.19 -10.36
C ALA A 115 20.03 3.60 -10.52
N ARG A 116 20.30 4.91 -10.65
CA ARG A 116 21.66 5.39 -10.82
C ARG A 116 22.41 5.49 -9.51
N TYR A 117 21.74 5.32 -8.38
CA TYR A 117 22.36 5.44 -7.07
C TYR A 117 22.47 4.11 -6.33
N LEU A 118 21.74 3.09 -6.75
CA LEU A 118 21.64 1.83 -6.04
C LEU A 118 22.18 0.70 -6.90
N ASN A 119 22.60 -0.37 -6.24
CA ASN A 119 22.91 -1.60 -6.96
C ASN A 119 21.61 -2.36 -7.24
N ASP A 120 21.72 -3.43 -8.02
CA ASP A 120 20.52 -4.13 -8.47
C ASP A 120 19.71 -4.66 -7.30
N GLU A 121 20.37 -5.18 -6.26
CA GLU A 121 19.65 -5.74 -5.13
C GLU A 121 18.90 -4.66 -4.36
N GLU A 122 19.58 -3.54 -4.06
CA GLU A 122 18.92 -2.45 -3.36
C GLU A 122 17.74 -1.90 -4.15
N LEU A 123 17.91 -1.74 -5.46
CA LEU A 123 16.83 -1.21 -6.28
C LEU A 123 15.63 -2.16 -6.29
N ALA A 124 15.90 -3.47 -6.38
CA ALA A 124 14.81 -4.43 -6.39
C ALA A 124 14.09 -4.46 -5.04
N PHE A 125 14.83 -4.34 -3.95
CA PHE A 125 14.20 -4.25 -2.64
C PHE A 125 13.26 -3.06 -2.59
N THR A 126 13.73 -1.90 -3.05
CA THR A 126 12.95 -0.68 -2.97
C THR A 126 11.77 -0.71 -3.94
N ARG A 127 11.96 -1.28 -5.13
CA ARG A 127 10.85 -1.41 -6.06
C ARG A 127 9.70 -2.19 -5.43
N GLN A 128 10.02 -3.23 -4.67
CA GLN A 128 8.99 -4.02 -4.01
C GLN A 128 8.38 -3.25 -2.84
N HIS A 129 9.23 -2.76 -1.95
CA HIS A 129 8.75 -2.27 -0.66
C HIS A 129 8.40 -0.79 -0.65
N TYR A 130 8.65 -0.06 -1.75
CA TYR A 130 8.24 1.34 -1.82
C TYR A 130 6.77 1.52 -1.47
N PHE A 131 5.93 0.56 -1.84
CA PHE A 131 4.49 0.69 -1.67
C PHE A 131 3.99 0.22 -0.31
N ASP A 132 4.85 -0.43 0.49
CA ASP A 132 4.40 -1.08 1.72
C ASP A 132 3.67 -0.12 2.64
N ARG A 133 4.24 1.07 2.85
CA ARG A 133 3.67 2.04 3.77
C ARG A 133 3.52 3.41 3.11
N LEU A 134 3.52 3.43 1.77
CA LEU A 134 3.46 4.68 1.03
C LEU A 134 2.29 5.56 1.48
N GLU A 136 0.94 6.10 4.25
CA GLU A 136 1.04 6.73 5.56
C GLU A 136 1.83 8.03 5.55
N TRP A 137 2.42 8.40 4.41
CA TRP A 137 3.26 9.61 4.40
C TRP A 137 2.44 10.89 4.55
N PRO A 138 1.32 11.07 3.84
CA PRO A 138 0.59 12.35 3.98
C PRO A 138 0.23 12.69 5.42
N ALA A 139 -0.20 11.71 6.21
CA ALA A 139 -0.50 11.98 7.62
C ALA A 139 0.74 12.44 8.38
N LEU A 140 1.89 11.83 8.10
CA LEU A 140 3.12 12.26 8.76
C LEU A 140 3.50 13.66 8.31
N VAL A 141 3.40 13.94 7.01
CA VAL A 141 3.79 15.26 6.51
C VAL A 141 2.92 16.34 7.16
N ALA A 142 1.62 16.08 7.29
CA ALA A 142 0.74 17.04 7.96
C ALA A 142 1.19 17.27 9.40
N ASP A 143 1.57 16.20 10.11
CA ASP A 143 2.03 16.36 11.48
C ASP A 143 3.36 17.10 11.54
N LEU A 144 4.23 16.89 10.55
CA LEU A 144 5.48 17.63 10.51
C LEU A 144 5.23 19.11 10.25
N HIS A 145 4.31 19.43 9.33
CA HIS A 145 3.94 20.82 9.13
C HIS A 145 3.45 21.45 10.42
N ARG A 146 2.61 20.74 11.17
CA ARG A 146 2.05 21.30 12.39
C ARG A 146 3.12 21.50 13.45
N ALA A 147 4.03 20.51 13.60
CA ALA A 147 5.11 20.65 14.56
C ALA A 147 5.98 21.86 14.24
N CYS A 148 6.29 22.06 12.96
CA CYS A 148 7.09 23.20 12.56
C CYS A 148 6.32 24.50 12.76
N ARG A 149 5.03 24.51 12.42
CA ARG A 149 4.20 25.69 12.59
C ARG A 149 4.09 26.08 14.07
N GLU A 150 3.86 25.10 14.93
CA GLU A 150 3.71 25.33 16.36
C GLU A 150 5.05 25.51 17.08
N LYS A 151 6.16 25.53 16.34
CA LYS A 151 7.49 25.74 16.93
C LYS A 151 7.83 24.67 17.95
N ARG A 152 7.37 23.45 17.71
CA ARG A 152 7.68 22.34 18.58
C ARG A 152 9.18 22.08 18.62
N ASP A 153 9.70 21.76 19.80
CA ASP A 153 11.12 21.46 19.93
C ASP A 153 11.44 20.12 19.28
N PRO A 154 12.37 20.06 18.33
CA PRO A 154 12.69 18.76 17.72
C PRO A 154 13.12 17.71 18.73
N ALA A 155 13.66 18.11 19.87
CA ALA A 155 14.14 17.18 20.88
C ALA A 155 13.07 16.78 21.89
N SER A 156 11.89 17.40 21.83
CA SER A 156 10.81 17.04 22.73
C SER A 156 10.36 15.61 22.44
N PRO A 157 9.68 14.97 23.41
CA PRO A 157 9.22 13.59 23.16
C PRO A 157 8.39 13.45 21.89
N GLY A 158 7.43 14.36 21.68
CA GLY A 158 6.58 14.24 20.50
C GLY A 158 7.32 14.65 19.23
N GLY A 159 8.33 15.50 19.33
CA GLY A 159 9.20 15.73 18.18
C GLY A 159 9.99 14.49 17.82
N GLN A 160 10.49 13.78 18.82
CA GLN A 160 11.19 12.53 18.56
C GLN A 160 10.25 11.44 18.09
N GLN A 161 8.99 11.47 18.51
CA GLN A 161 8.00 10.55 17.96
C GLN A 161 7.87 10.74 16.45
N LEU A 162 7.92 12.00 15.99
CA LEU A 162 7.84 12.28 14.55
C LEU A 162 9.10 11.80 13.83
N ALA A 163 10.27 11.98 14.43
CA ALA A 163 11.49 11.47 13.84
C ALA A 163 11.46 9.94 13.75
N GLN A 164 10.94 9.28 14.80
CA GLN A 164 10.83 7.82 14.75
C GLN A 164 9.86 7.37 13.67
N ARG A 165 8.75 8.10 13.51
CA ARG A 165 7.81 7.74 12.45
C ARG A 165 8.46 7.87 11.08
N TRP A 166 9.20 8.96 10.87
CA TRP A 166 9.91 9.12 9.60
C TRP A 166 10.86 7.95 9.36
N LEU A 167 11.65 7.60 10.37
CA LEU A 167 12.59 6.50 10.22
C LEU A 167 11.89 5.21 9.83
N ALA A 168 10.75 4.91 10.47
CA ALA A 168 10.03 3.68 10.15
C ALA A 168 9.59 3.68 8.69
N LEU A 169 9.04 4.80 8.21
CA LEU A 169 8.59 4.85 6.82
C LEU A 169 9.78 4.84 5.87
N PHE A 170 10.85 5.54 6.23
CA PHE A 170 12.06 5.54 5.41
C PHE A 170 12.67 4.15 5.31
N GLN A 171 12.88 3.48 6.46
CA GLN A 171 13.47 2.15 6.43
C GLN A 171 12.56 1.15 5.73
N SER A 172 11.25 1.41 5.71
CA SER A 172 10.32 0.52 5.01
C SER A 172 10.71 0.40 3.54
N TYR A 173 11.05 1.52 2.89
CA TYR A 173 11.38 1.48 1.48
C TYR A 173 12.87 1.32 1.22
N ALA A 174 13.71 1.85 2.11
CA ALA A 174 15.15 1.84 1.89
C ALA A 174 15.84 0.61 2.44
N GLY A 175 15.23 -0.07 3.41
CA GLY A 175 15.91 -1.13 4.12
C GLY A 175 16.66 -0.61 5.34
N LYS A 176 17.32 -1.53 6.03
CA LYS A 176 17.98 -1.25 7.29
C LYS A 176 19.49 -1.12 7.17
N ASP A 177 20.05 -1.24 5.97
CA ASP A 177 21.49 -1.19 5.79
C ASP A 177 21.96 0.26 5.80
N ALA A 178 22.90 0.57 6.70
CA ALA A 178 23.34 1.95 6.86
C ALA A 178 23.95 2.48 5.58
N GLN A 179 24.76 1.67 4.89
CA GLN A 179 25.38 2.13 3.66
C GLN A 179 24.34 2.37 2.57
N THR A 180 23.34 1.48 2.47
CA THR A 180 22.26 1.71 1.52
C THR A 180 21.50 2.98 1.85
N GLN A 181 21.20 3.20 3.13
CA GLN A 181 20.47 4.40 3.53
C GLN A 181 21.25 5.66 3.16
N GLN A 182 22.59 5.63 3.31
CA GLN A 182 23.39 6.78 2.93
C GLN A 182 23.21 7.11 1.45
N LYS A 183 23.08 6.10 0.60
CA LYS A 183 22.85 6.35 -0.82
C LYS A 183 21.54 7.10 -1.04
N PHE A 184 20.48 6.70 -0.35
CA PHE A 184 19.20 7.35 -0.52
C PHE A 184 19.27 8.81 -0.07
N ARG A 185 19.94 9.07 1.05
CA ARG A 185 20.01 10.45 1.54
C ARG A 185 20.88 11.31 0.64
N TYR A 186 21.94 10.73 0.05
CA TYR A 186 22.72 11.46 -0.96
C TYR A 186 21.88 11.75 -2.20
N ALA A 187 21.12 10.75 -2.65
CA ALA A 187 20.26 10.97 -3.81
C ALA A 187 19.28 12.11 -3.57
N GLU A 189 19.69 14.71 -1.68
CA GLU A 189 20.42 15.98 -1.74
C GLU A 189 20.66 16.42 -3.17
N GLN A 190 20.79 15.47 -4.10
CA GLN A 190 21.24 15.76 -5.44
C GLN A 190 20.15 15.73 -6.50
N GLU A 191 18.96 15.23 -6.18
CA GLU A 191 17.91 15.02 -7.16
C GLU A 191 16.64 15.73 -6.76
N PRO A 192 16.37 16.93 -7.28
CA PRO A 192 15.16 17.67 -6.86
C PRO A 192 13.87 16.90 -7.09
N HIS A 193 13.81 16.01 -8.09
CA HIS A 193 12.56 15.33 -8.35
C HIS A 193 12.17 14.40 -7.21
N LEU A 194 13.15 13.91 -6.46
CA LEU A 194 12.84 12.92 -5.43
C LEU A 194 12.05 13.51 -4.27
N LYS A 196 9.47 15.68 -5.02
CA LYS A 196 8.17 16.00 -5.60
C LYS A 196 7.14 14.99 -5.11
N GLY A 197 5.88 15.41 -5.07
CA GLY A 197 4.82 14.58 -4.54
C GLY A 197 4.93 14.30 -3.05
N THR A 198 5.57 15.20 -2.30
CA THR A 198 5.75 15.02 -0.87
C THR A 198 5.05 16.06 -0.02
N TRP A 199 4.61 17.17 -0.60
CA TRP A 199 4.03 18.29 0.15
C TRP A 199 5.01 18.83 1.20
N THR A 201 8.21 21.22 2.45
CA THR A 201 8.88 22.48 2.18
C THR A 201 10.27 22.45 2.78
N SER A 202 11.12 23.38 2.35
CA SER A 202 12.46 23.47 2.91
C SER A 202 12.40 23.72 4.41
N GLU A 203 11.45 24.55 4.85
CA GLU A 203 11.32 24.85 6.28
C GLU A 203 10.97 23.58 7.06
N VAL A 204 9.99 22.82 6.58
CA VAL A 204 9.58 21.61 7.29
C VAL A 204 10.67 20.54 7.21
N LEU A 205 11.34 20.44 6.05
CA LEU A 205 12.45 19.51 5.93
C LEU A 205 13.55 19.83 6.93
N SER A 206 13.83 21.12 7.11
CA SER A 206 14.85 21.52 8.08
CA SER A 206 14.85 21.52 8.08
C SER A 206 14.45 21.12 9.49
N TRP A 207 13.18 21.33 9.85
CA TRP A 207 12.72 20.91 11.16
C TRP A 207 12.87 19.40 11.33
N LEU A 208 12.43 18.63 10.33
CA LEU A 208 12.54 17.18 10.39
C LEU A 208 13.99 16.75 10.56
N GLN A 209 14.89 17.33 9.78
CA GLN A 209 16.28 16.90 9.82
C GLN A 209 16.94 17.28 11.14
N GLN A 210 16.45 18.31 11.82
CA GLN A 210 16.89 18.57 13.19
C GLN A 210 16.43 17.45 14.11
N ALA A 211 15.16 17.07 14.01
CA ALA A 211 14.63 15.98 14.84
C ALA A 211 15.36 14.67 14.55
N ILE A 212 15.64 14.40 13.28
CA ILE A 212 16.42 13.21 12.93
C ILE A 212 17.81 13.29 13.56
N GLY A 213 18.43 14.47 13.51
CA GLY A 213 19.75 14.63 14.09
C GLY A 213 19.79 14.29 15.56
N VAL A 214 18.80 14.76 16.32
CA VAL A 214 18.72 14.42 17.74
C VAL A 214 18.62 12.91 17.91
N LYS B 4 14.31 -21.79 -16.18
CA LYS B 4 15.52 -21.22 -15.58
C LYS B 4 15.19 -20.10 -14.61
N TYR B 6 12.46 -20.00 -12.30
CA TYR B 6 12.23 -20.59 -10.99
C TYR B 6 13.53 -21.12 -10.38
N ASP B 7 14.43 -21.66 -11.21
CA ASP B 7 15.70 -22.15 -10.70
C ASP B 7 16.51 -21.04 -10.06
N ARG B 8 16.43 -19.82 -10.59
CA ARG B 8 17.20 -18.71 -10.05
C ARG B 8 16.73 -18.34 -8.64
N TRP B 9 15.45 -18.52 -8.34
CA TRP B 9 14.87 -17.97 -7.13
C TRP B 9 14.48 -18.99 -6.08
N PHE B 10 14.42 -20.27 -6.42
CA PHE B 10 14.07 -21.32 -5.49
C PHE B 10 15.18 -22.34 -5.42
N SER B 11 15.45 -22.83 -4.21
CA SER B 11 16.45 -23.87 -4.05
C SER B 11 15.95 -25.18 -4.67
N GLN B 12 16.89 -26.09 -4.91
CA GLN B 12 16.56 -27.37 -5.50
C GLN B 12 15.48 -28.08 -4.69
N GLN B 13 15.58 -27.99 -3.37
CA GLN B 13 14.61 -28.61 -2.48
C GLN B 13 13.28 -27.90 -2.51
N GLU B 14 13.29 -26.56 -2.52
CA GLU B 14 12.05 -25.80 -2.59
C GLU B 14 11.29 -26.11 -3.87
N LEU B 15 12.01 -26.33 -4.98
CA LEU B 15 11.34 -26.63 -6.24
C LEU B 15 10.60 -27.96 -6.19
N GLN B 16 11.03 -28.87 -5.32
CA GLN B 16 10.33 -30.14 -5.18
C GLN B 16 8.92 -29.98 -4.64
N VAL B 17 8.63 -28.88 -3.93
CA VAL B 17 7.34 -28.68 -3.29
C VAL B 17 6.64 -27.42 -3.76
N LEU B 18 7.14 -26.77 -4.82
CA LEU B 18 6.50 -25.60 -5.38
C LEU B 18 5.63 -26.01 -6.56
N PRO B 19 4.30 -25.99 -6.44
CA PRO B 19 3.46 -26.43 -7.57
C PRO B 19 3.75 -25.70 -8.88
N PHE B 20 4.01 -24.39 -8.83
CA PHE B 20 4.28 -23.63 -10.04
C PHE B 20 5.39 -24.27 -10.86
N ALA B 21 6.38 -24.88 -10.20
CA ALA B 21 7.55 -25.40 -10.91
C ALA B 21 7.27 -26.70 -11.65
N GLU B 22 6.09 -27.31 -11.46
CA GLU B 22 5.77 -28.54 -12.16
C GLU B 22 5.60 -28.33 -13.66
N GLN B 23 5.30 -27.10 -14.08
CA GLN B 23 5.00 -26.81 -15.48
C GLN B 23 3.76 -27.60 -15.94
N ASP B 24 2.81 -27.73 -15.03
CA ASP B 24 1.57 -28.46 -15.32
C ASP B 24 0.70 -27.65 -16.29
N GLU B 25 0.21 -28.33 -17.33
CA GLU B 25 -0.57 -27.64 -18.35
C GLU B 25 -1.91 -27.16 -17.80
N GLN B 26 -2.55 -27.97 -16.95
CA GLN B 26 -3.83 -27.56 -16.39
C GLN B 26 -3.67 -26.36 -15.47
N ARG B 27 -2.56 -26.30 -14.72
CA ARG B 27 -2.30 -25.12 -13.91
C ARG B 27 -2.01 -23.90 -14.79
N ASN B 28 -1.32 -24.10 -15.91
CA ASN B 28 -1.07 -23.01 -16.84
C ASN B 28 -2.37 -22.48 -17.42
N GLN B 29 -3.25 -23.37 -17.86
CA GLN B 29 -4.52 -22.94 -18.46
C GLN B 29 -5.39 -22.22 -17.44
N THR B 30 -5.41 -22.71 -16.20
CA THR B 30 -6.17 -22.03 -15.14
C THR B 30 -5.72 -20.59 -15.01
N TRP B 31 -4.40 -20.36 -14.97
CA TRP B 31 -3.89 -19.00 -14.80
C TRP B 31 -4.03 -18.18 -16.07
N LEU B 32 -3.96 -18.81 -17.23
CA LEU B 32 -4.26 -18.11 -18.48
C LEU B 32 -5.68 -17.53 -18.42
N GLU B 33 -6.63 -18.30 -17.89
CA GLU B 33 -8.00 -17.82 -17.78
C GLU B 33 -8.14 -16.76 -16.69
N LEU B 34 -7.45 -16.94 -15.56
CA LEU B 34 -7.52 -15.94 -14.50
C LEU B 34 -6.96 -14.61 -14.97
N VAL B 35 -5.85 -14.63 -15.71
CA VAL B 35 -5.27 -13.42 -16.25
C VAL B 35 -6.19 -12.81 -17.32
N GLY B 36 -6.70 -13.65 -18.22
CA GLY B 36 -7.56 -13.14 -19.27
C GLY B 36 -8.82 -12.49 -18.71
N GLU B 37 -9.41 -13.08 -17.68
CA GLU B 37 -10.61 -12.52 -17.09
C GLU B 37 -10.31 -11.20 -16.38
N ALA B 38 -9.16 -11.12 -15.71
CA ALA B 38 -8.78 -9.88 -15.05
C ALA B 38 -8.56 -8.76 -16.07
N GLN B 39 -7.91 -9.08 -17.19
CA GLN B 39 -7.67 -8.06 -18.20
C GLN B 39 -8.97 -7.58 -18.83
N GLN B 40 -9.93 -8.48 -19.05
CA GLN B 40 -11.22 -8.07 -19.59
C GLN B 40 -11.92 -7.10 -18.66
N LEU B 41 -11.94 -7.40 -17.35
CA LEU B 41 -12.59 -6.50 -16.42
C LEU B 41 -11.91 -5.13 -16.40
N ASP B 43 -10.15 -3.82 -18.92
CA ASP B 43 -10.51 -3.19 -20.20
C ASP B 43 -11.87 -2.51 -20.10
N GLU B 44 -12.82 -3.14 -19.42
CA GLU B 44 -14.16 -2.60 -19.28
C GLU B 44 -14.28 -1.56 -18.17
N ARG B 45 -13.18 -1.22 -17.50
CA ARG B 45 -13.20 -0.27 -16.39
C ARG B 45 -14.09 -0.75 -15.25
N CYS B 46 -14.07 -2.05 -15.01
CA CYS B 46 -14.92 -2.64 -13.98
C CYS B 46 -14.52 -2.10 -12.60
N PRO B 47 -15.46 -1.56 -11.83
CA PRO B 47 -15.13 -1.19 -10.44
C PRO B 47 -14.74 -2.42 -9.63
N ALA B 48 -13.76 -2.24 -8.75
CA ALA B 48 -13.24 -3.36 -7.96
C ALA B 48 -14.28 -3.93 -7.02
N ASP B 49 -15.36 -3.20 -6.73
CA ASP B 49 -16.38 -3.67 -5.81
C ASP B 49 -17.55 -4.34 -6.51
N GLU B 50 -17.50 -4.49 -7.83
CA GLU B 50 -18.55 -5.22 -8.53
C GLU B 50 -18.48 -6.70 -8.17
N PRO B 51 -19.63 -7.38 -8.12
CA PRO B 51 -19.61 -8.82 -7.76
C PRO B 51 -18.65 -9.63 -8.62
N ARG B 52 -18.58 -9.37 -9.91
CA ARG B 52 -17.73 -10.19 -10.78
C ARG B 52 -16.25 -9.96 -10.49
N ALA B 53 -15.88 -8.75 -10.09
CA ALA B 53 -14.49 -8.51 -9.70
C ALA B 53 -14.16 -9.19 -8.38
N ILE B 54 -15.09 -9.12 -7.42
CA ILE B 54 -14.88 -9.76 -6.13
C ILE B 54 -14.75 -11.26 -6.29
N ALA B 55 -15.59 -11.86 -7.14
CA ALA B 55 -15.53 -13.30 -7.36
C ALA B 55 -14.21 -13.70 -8.01
N LEU B 56 -13.75 -12.92 -8.99
CA LEU B 56 -12.50 -13.22 -9.66
C LEU B 56 -11.32 -13.14 -8.69
N ALA B 57 -11.28 -12.07 -7.89
CA ALA B 57 -10.19 -11.91 -6.93
C ALA B 57 -10.18 -13.05 -5.91
N THR B 58 -11.37 -13.52 -5.52
CA THR B 58 -11.44 -14.65 -4.61
C THR B 58 -10.82 -15.90 -5.25
N ARG B 59 -11.10 -16.13 -6.53
CA ARG B 59 -10.48 -17.26 -7.22
C ARG B 59 -8.97 -17.09 -7.31
N TRP B 60 -8.52 -15.87 -7.60
CA TRP B 60 -7.08 -15.60 -7.66
C TRP B 60 -6.39 -16.03 -6.37
N GLU B 62 -7.49 -18.02 -3.90
CA GLU B 62 -7.59 -19.47 -3.68
C GLU B 62 -6.53 -20.19 -4.50
N GLN B 63 -6.43 -19.86 -5.79
CA GLN B 63 -5.46 -20.51 -6.65
C GLN B 63 -4.04 -20.20 -6.22
N LEU B 64 -3.76 -18.95 -5.86
CA LEU B 64 -2.39 -18.57 -5.52
C LEU B 64 -1.92 -19.27 -4.25
N GLU B 65 -2.81 -19.42 -3.26
CA GLU B 65 -2.41 -20.15 -2.06
C GLU B 65 -2.09 -21.61 -2.38
N GLN B 66 -2.94 -22.25 -3.20
CA GLN B 66 -2.65 -23.63 -3.61
C GLN B 66 -1.32 -23.74 -4.32
N ASP B 67 -1.05 -22.82 -5.26
CA ASP B 67 0.11 -22.94 -6.12
C ASP B 67 1.39 -22.46 -5.44
N THR B 68 1.30 -21.76 -4.31
CA THR B 68 2.45 -21.51 -3.45
C THR B 68 2.56 -22.53 -2.34
N ALA B 69 1.81 -23.62 -2.42
CA ALA B 69 1.85 -24.70 -1.43
C ALA B 69 1.52 -24.18 -0.04
N GLY B 70 0.66 -23.17 0.04
CA GLY B 70 0.27 -22.61 1.32
C GLY B 70 1.42 -22.06 2.13
N ARG B 71 2.55 -21.75 1.49
CA ARG B 71 3.71 -21.25 2.22
C ARG B 71 3.87 -19.76 1.97
N PRO B 72 3.74 -18.92 3.00
CA PRO B 72 3.86 -17.47 2.76
C PRO B 72 5.20 -17.06 2.20
N GLU B 73 6.28 -17.80 2.50
CA GLU B 73 7.58 -17.40 1.96
C GLU B 73 7.70 -17.71 0.47
N PHE B 74 6.88 -18.63 -0.05
CA PHE B 74 6.82 -18.80 -1.50
C PHE B 74 6.05 -17.65 -2.13
N LEU B 75 4.99 -17.18 -1.47
CA LEU B 75 4.29 -15.97 -1.93
C LEU B 75 5.24 -14.79 -1.99
N THR B 76 5.99 -14.55 -0.92
CA THR B 76 6.90 -13.41 -0.91
C THR B 76 8.00 -13.58 -1.94
N ARG B 77 8.39 -14.83 -2.24
CA ARG B 77 9.39 -15.05 -3.29
C ARG B 77 8.86 -14.62 -4.64
N LEU B 78 7.60 -14.95 -4.93
CA LEU B 78 6.99 -14.49 -6.18
C LEU B 78 6.97 -12.97 -6.25
N ASN B 79 6.69 -12.30 -5.11
CA ASN B 79 6.67 -10.85 -5.11
C ASN B 79 8.07 -10.28 -5.34
N GLU B 80 9.09 -10.90 -4.75
CA GLU B 80 10.46 -10.53 -5.09
C GLU B 80 10.71 -10.67 -6.59
N HIS B 82 8.51 -10.55 -9.17
CA HIS B 82 7.85 -9.49 -9.93
C HIS B 82 8.65 -8.20 -9.90
N ALA B 83 9.42 -7.98 -8.84
CA ALA B 83 10.19 -6.74 -8.71
C ALA B 83 11.58 -6.83 -9.32
N ALA B 84 12.15 -8.02 -9.47
CA ALA B 84 13.53 -8.16 -9.92
C ALA B 84 13.70 -8.93 -11.22
N GLU B 85 12.67 -9.63 -11.69
CA GLU B 85 12.80 -10.51 -12.85
C GLU B 85 12.03 -9.94 -14.04
N PRO B 86 12.70 -9.47 -15.10
CA PRO B 86 11.95 -8.86 -16.21
C PRO B 86 11.14 -9.85 -17.03
N GLN B 87 11.43 -11.15 -16.93
CA GLN B 87 10.66 -12.13 -17.68
C GLN B 87 9.34 -12.50 -17.01
N ARG B 89 6.48 -10.86 -16.29
CA ARG B 89 5.26 -10.42 -16.94
C ARG B 89 4.97 -11.24 -18.20
N GLU B 90 6.01 -11.53 -18.98
CA GLU B 90 5.81 -12.28 -20.22
C GLU B 90 5.43 -13.73 -19.94
N GLN B 91 6.11 -14.37 -18.99
CA GLN B 91 5.92 -15.79 -18.75
C GLN B 91 4.73 -16.10 -17.87
N THR B 92 4.18 -15.10 -17.17
CA THR B 92 2.98 -15.30 -16.38
C THR B 92 1.77 -14.54 -16.91
N GLY B 93 1.98 -13.47 -17.67
CA GLY B 93 0.90 -12.58 -18.05
C GLY B 93 0.40 -11.69 -16.94
N VAL B 94 0.99 -11.79 -15.76
CA VAL B 94 0.55 -11.03 -14.59
C VAL B 94 1.35 -9.73 -14.55
N THR B 95 0.64 -8.60 -14.59
CA THR B 95 1.27 -7.29 -14.56
C THR B 95 1.09 -6.66 -13.18
N PRO B 96 1.96 -5.71 -12.83
CA PRO B 96 1.75 -5.00 -11.55
C PRO B 96 0.40 -4.30 -11.47
N GLU B 97 -0.08 -3.75 -12.60
CA GLU B 97 -1.36 -3.06 -12.59
C GLU B 97 -2.51 -4.03 -12.36
N ILE B 99 -2.23 -6.90 -10.63
CA ILE B 99 -2.18 -7.26 -9.21
C ILE B 99 -2.84 -6.17 -8.37
N ASP B 100 -2.60 -4.89 -8.71
CA ASP B 100 -3.26 -3.80 -7.99
C ASP B 100 -4.78 -3.94 -8.06
N PHE B 101 -5.31 -4.27 -9.24
CA PHE B 101 -6.75 -4.44 -9.39
C PHE B 101 -7.25 -5.61 -8.54
N ILE B 102 -6.57 -6.75 -8.62
CA ILE B 102 -6.99 -7.91 -7.84
C ILE B 102 -6.91 -7.62 -6.34
N THR B 103 -5.85 -6.93 -5.91
CA THR B 103 -5.70 -6.55 -4.51
C THR B 103 -6.90 -5.75 -4.04
N ARG B 104 -7.32 -4.75 -4.83
CA ARG B 104 -8.42 -3.89 -4.43
C ARG B 104 -9.74 -4.65 -4.47
N ALA B 105 -9.94 -5.52 -5.45
CA ALA B 105 -11.15 -6.32 -5.50
C ALA B 105 -11.24 -7.27 -4.31
N PHE B 106 -10.10 -7.87 -3.92
CA PHE B 106 -10.11 -8.77 -2.77
C PHE B 106 -10.37 -7.99 -1.48
N ALA B 107 -9.82 -6.79 -1.38
CA ALA B 107 -10.14 -5.92 -0.24
C ALA B 107 -11.63 -5.66 -0.17
N GLU B 108 -12.23 -5.30 -1.31
CA GLU B 108 -13.67 -5.04 -1.32
C GLU B 108 -14.47 -6.27 -0.94
N SER B 109 -13.93 -7.47 -1.21
CA SER B 109 -14.65 -8.69 -0.83
C SER B 109 -14.76 -8.79 0.69
N LYS B 110 -13.79 -8.27 1.41
CA LYS B 110 -13.82 -8.32 2.87
C LYS B 110 -14.52 -7.11 3.48
N LEU B 111 -14.37 -5.93 2.86
CA LEU B 111 -15.15 -4.79 3.29
C LEU B 111 -16.64 -5.05 3.16
N ALA B 112 -17.05 -5.83 2.16
CA ALA B 112 -18.45 -6.20 2.02
C ALA B 112 -18.94 -6.97 3.24
N ILE B 113 -18.11 -7.89 3.73
CA ILE B 113 -18.47 -8.68 4.91
C ILE B 113 -18.50 -7.80 6.15
N TRP B 114 -17.42 -7.05 6.37
CA TRP B 114 -17.34 -6.20 7.56
C TRP B 114 -18.49 -5.21 7.64
N ALA B 115 -19.06 -4.81 6.49
CA ALA B 115 -20.17 -3.88 6.50
C ALA B 115 -21.34 -4.40 7.34
N ARG B 116 -21.48 -5.72 7.45
CA ARG B 116 -22.58 -6.30 8.21
C ARG B 116 -22.28 -6.40 9.71
N TYR B 117 -21.07 -6.03 10.13
CA TYR B 117 -20.70 -6.02 11.54
C TYR B 117 -20.35 -4.66 12.08
N LEU B 118 -19.88 -3.75 11.23
CA LEU B 118 -19.44 -2.43 11.65
C LEU B 118 -20.52 -1.39 11.38
N ASN B 119 -20.49 -0.30 12.15
CA ASN B 119 -21.30 0.85 11.82
C ASN B 119 -20.61 1.64 10.70
N ASP B 120 -21.37 2.57 10.10
CA ASP B 120 -20.87 3.26 8.91
C ASP B 120 -19.59 4.03 9.20
N GLU B 121 -19.37 4.44 10.45
CA GLU B 121 -18.17 5.18 10.81
C GLU B 121 -16.96 4.24 10.89
N GLU B 122 -17.00 3.27 11.83
CA GLU B 122 -15.99 2.22 11.88
C GLU B 122 -15.68 1.71 10.47
N LEU B 123 -16.74 1.43 9.71
CA LEU B 123 -16.54 0.95 8.35
C LEU B 123 -15.85 1.98 7.48
N ALA B 124 -16.25 3.25 7.59
CA ALA B 124 -15.58 4.29 6.84
C ALA B 124 -14.08 4.28 7.09
N PHE B 125 -13.68 4.29 8.37
CA PHE B 125 -12.27 4.29 8.72
C PHE B 125 -11.52 3.12 8.10
N THR B 126 -12.04 1.90 8.29
CA THR B 126 -11.35 0.72 7.79
C THR B 126 -11.22 0.77 6.27
N ARG B 127 -12.27 1.23 5.59
CA ARG B 127 -12.23 1.33 4.13
C ARG B 127 -11.08 2.20 3.64
N GLN B 128 -10.73 3.23 4.40
CA GLN B 128 -9.71 4.17 3.96
CA GLN B 128 -9.71 4.17 3.98
C GLN B 128 -8.31 3.73 4.36
N HIS B 129 -8.18 2.96 5.43
CA HIS B 129 -6.88 2.57 5.95
C HIS B 129 -6.52 1.11 5.73
N TYR B 130 -7.44 0.30 5.19
CA TYR B 130 -7.14 -1.10 4.92
C TYR B 130 -5.85 -1.23 4.11
N PHE B 131 -5.61 -0.29 3.20
CA PHE B 131 -4.48 -0.37 2.29
C PHE B 131 -3.20 0.25 2.84
N ASP B 132 -3.26 0.93 3.98
CA ASP B 132 -2.09 1.65 4.49
C ASP B 132 -0.88 0.72 4.61
N ARG B 133 -1.07 -0.45 5.20
CA ARG B 133 0.03 -1.36 5.51
C ARG B 133 -0.25 -2.76 5.00
N LEU B 134 -1.19 -2.90 4.07
CA LEU B 134 -1.62 -4.21 3.59
C LEU B 134 -0.46 -5.07 3.13
N GLU B 136 2.47 -5.41 4.11
CA GLU B 136 3.39 -5.88 5.14
C GLU B 136 2.93 -7.18 5.78
N TRP B 137 1.74 -7.67 5.45
CA TRP B 137 1.21 -8.85 6.12
C TRP B 137 1.95 -10.13 5.71
N PRO B 138 2.26 -10.34 4.43
CA PRO B 138 2.94 -11.60 4.07
C PRO B 138 4.24 -11.81 4.84
N ALA B 139 5.05 -10.77 5.03
CA ALA B 139 6.27 -10.92 5.79
C ALA B 139 5.98 -11.33 7.24
N LEU B 140 4.93 -10.76 7.84
CA LEU B 140 4.56 -11.14 9.19
C LEU B 140 4.08 -12.59 9.23
N VAL B 141 3.23 -12.98 8.28
CA VAL B 141 2.71 -14.34 8.27
C VAL B 141 3.86 -15.34 8.13
N ALA B 142 4.84 -15.02 7.28
CA ALA B 142 6.02 -15.87 7.17
C ALA B 142 6.73 -16.00 8.51
N ASP B 143 6.87 -14.88 9.23
CA ASP B 143 7.54 -14.92 10.53
C ASP B 143 6.72 -15.65 11.57
N LEU B 144 5.39 -15.60 11.47
CA LEU B 144 4.54 -16.36 12.37
C LEU B 144 4.67 -17.85 12.10
N HIS B 145 4.68 -18.25 10.83
CA HIS B 145 4.93 -19.64 10.49
C HIS B 145 6.26 -20.11 11.06
N ARG B 146 7.31 -19.30 10.87
CA ARG B 146 8.63 -19.67 11.38
C ARG B 146 8.61 -19.80 12.90
N ALA B 147 7.88 -18.92 13.58
CA ALA B 147 7.80 -19.02 15.03
C ALA B 147 7.25 -20.37 15.47
N CYS B 148 6.20 -20.85 14.82
CA CYS B 148 5.68 -22.18 15.12
C CYS B 148 6.72 -23.24 14.85
N ARG B 149 7.35 -23.20 13.67
CA ARG B 149 8.41 -24.15 13.34
C ARG B 149 9.49 -24.15 14.41
N GLU B 150 10.09 -22.98 14.66
CA GLU B 150 11.19 -22.83 15.61
C GLU B 150 10.78 -23.04 17.07
N LYS B 151 9.55 -23.48 17.35
CA LYS B 151 9.12 -23.81 18.71
C LYS B 151 9.11 -22.59 19.63
N ARG B 152 8.94 -21.42 19.05
CA ARG B 152 8.98 -20.16 19.81
C ARG B 152 7.85 -20.11 20.83
N ASP B 153 8.18 -19.73 22.06
CA ASP B 153 7.17 -19.55 23.10
C ASP B 153 6.37 -18.28 22.82
N PRO B 154 5.04 -18.36 22.70
CA PRO B 154 4.27 -17.13 22.43
C PRO B 154 4.42 -16.07 23.52
N ALA B 155 4.73 -16.48 24.75
CA ALA B 155 4.87 -15.54 25.86
C ALA B 155 6.28 -14.94 25.93
N SER B 156 7.22 -15.41 25.13
CA SER B 156 8.58 -14.91 25.18
C SER B 156 8.64 -13.49 24.65
N PRO B 157 9.67 -12.73 25.03
CA PRO B 157 9.81 -11.37 24.47
C PRO B 157 9.78 -11.36 22.95
N GLY B 158 10.44 -12.34 22.33
CA GLY B 158 10.49 -12.40 20.87
C GLY B 158 9.14 -12.83 20.28
N GLY B 159 8.37 -13.63 21.00
CA GLY B 159 7.01 -13.89 20.58
C GLY B 159 6.12 -12.68 20.76
N GLN B 160 6.38 -11.88 21.78
CA GLN B 160 5.62 -10.66 22.00
C GLN B 160 5.94 -9.61 20.93
N GLN B 161 7.16 -9.64 20.39
CA GLN B 161 7.48 -8.77 19.26
C GLN B 161 6.54 -9.06 18.08
N LEU B 162 6.29 -10.34 17.80
CA LEU B 162 5.41 -10.70 16.71
C LEU B 162 3.97 -10.28 17.01
N ALA B 163 3.53 -10.48 18.25
CA ALA B 163 2.20 -10.04 18.63
C ALA B 163 2.05 -8.52 18.48
N GLN B 164 3.08 -7.77 18.86
CA GLN B 164 3.04 -6.32 18.69
C GLN B 164 3.00 -5.93 17.22
N ARG B 165 3.73 -6.66 16.37
CA ARG B 165 3.66 -6.39 14.93
C ARG B 165 2.26 -6.66 14.41
N TRP B 166 1.63 -7.77 14.83
CA TRP B 166 0.27 -8.04 14.42
C TRP B 166 -0.66 -6.92 14.86
N LEU B 167 -0.53 -6.47 16.11
CA LEU B 167 -1.42 -5.43 16.62
C LEU B 167 -1.27 -4.15 15.81
N ALA B 168 -0.04 -3.81 15.41
CA ALA B 168 0.18 -2.59 14.65
C ALA B 168 -0.50 -2.67 13.30
N LEU B 169 -0.38 -3.81 12.61
CA LEU B 169 -1.06 -3.95 11.32
C LEU B 169 -2.57 -4.02 11.50
N PHE B 170 -3.04 -4.72 12.54
CA PHE B 170 -4.47 -4.82 12.79
C PHE B 170 -5.06 -3.44 13.11
N GLN B 171 -4.44 -2.71 14.03
CA GLN B 171 -4.95 -1.41 14.39
C GLN B 171 -4.82 -0.41 13.25
N SER B 172 -3.92 -0.67 12.29
CA SER B 172 -3.80 0.20 11.12
C SER B 172 -5.14 0.36 10.41
N TYR B 173 -5.89 -0.73 10.25
CA TYR B 173 -7.18 -0.65 9.57
C TYR B 173 -8.37 -0.75 10.51
N ALA B 174 -8.23 -1.40 11.66
CA ALA B 174 -9.34 -1.52 12.59
C ALA B 174 -9.50 -0.30 13.49
N GLY B 175 -8.44 0.47 13.69
CA GLY B 175 -8.46 1.51 14.69
C GLY B 175 -8.08 0.98 16.06
N LYS B 176 -8.04 1.90 17.02
CA LYS B 176 -7.57 1.58 18.36
C LYS B 176 -8.71 1.47 19.38
N ASP B 177 -9.95 1.56 18.95
CA ASP B 177 -11.09 1.43 19.86
C ASP B 177 -11.33 -0.04 20.17
N ALA B 178 -11.28 -0.39 21.46
CA ALA B 178 -11.38 -1.79 21.84
C ALA B 178 -12.72 -2.40 21.45
N GLN B 179 -13.78 -1.60 21.46
CA GLN B 179 -15.09 -2.13 21.11
C GLN B 179 -15.19 -2.42 19.61
N THR B 180 -14.67 -1.50 18.78
CA THR B 180 -14.60 -1.76 17.35
C THR B 180 -13.79 -3.00 17.06
N GLN B 181 -12.67 -3.18 17.77
CA GLN B 181 -11.80 -4.32 17.51
C GLN B 181 -12.50 -5.62 17.84
N GLN B 182 -13.30 -5.65 18.90
CA GLN B 182 -14.02 -6.86 19.25
C GLN B 182 -14.97 -7.28 18.12
N LYS B 183 -15.54 -6.31 17.39
CA LYS B 183 -16.40 -6.64 16.27
C LYS B 183 -15.61 -7.36 15.18
N PHE B 184 -14.42 -6.84 14.85
CA PHE B 184 -13.57 -7.50 13.86
C PHE B 184 -13.26 -8.93 14.29
N ARG B 185 -12.92 -9.12 15.55
CA ARG B 185 -12.50 -10.44 16.01
C ARG B 185 -13.68 -11.39 16.10
N TYR B 186 -14.89 -10.88 16.35
CA TYR B 186 -16.09 -11.70 16.24
C TYR B 186 -16.39 -12.04 14.78
N ALA B 187 -16.32 -11.05 13.89
CA ALA B 187 -16.57 -11.30 12.47
C ALA B 187 -15.67 -12.40 11.94
N GLU B 189 -14.47 -14.90 13.56
CA GLU B 189 -14.96 -16.17 14.04
C GLU B 189 -16.14 -16.67 13.24
N GLN B 190 -16.94 -15.77 12.68
CA GLN B 190 -18.19 -16.10 12.03
C GLN B 190 -18.11 -16.20 10.51
N GLU B 191 -17.05 -15.68 9.89
CA GLU B 191 -16.99 -15.53 8.44
C GLU B 191 -15.73 -16.19 7.90
N PRO B 192 -15.83 -17.42 7.39
CA PRO B 192 -14.63 -18.08 6.85
C PRO B 192 -13.91 -17.29 5.78
N HIS B 193 -14.63 -16.49 4.99
CA HIS B 193 -13.96 -15.77 3.90
C HIS B 193 -12.93 -14.79 4.44
N LEU B 194 -13.12 -14.27 5.65
CA LEU B 194 -12.22 -13.26 6.17
C LEU B 194 -10.81 -13.77 6.39
N LYS B 196 -9.45 -16.05 4.12
CA LYS B 196 -8.92 -16.38 2.81
C LYS B 196 -7.89 -15.33 2.40
N GLY B 197 -6.91 -15.76 1.61
CA GLY B 197 -5.85 -14.86 1.19
C GLY B 197 -4.92 -14.41 2.29
N THR B 198 -4.83 -15.18 3.38
CA THR B 198 -3.97 -14.84 4.51
C THR B 198 -2.79 -15.79 4.69
N TRP B 199 -2.84 -16.97 4.09
CA TRP B 199 -1.84 -18.02 4.28
C TRP B 199 -1.73 -18.43 5.76
N THR B 201 -2.93 -20.67 9.07
CA THR B 201 -3.44 -21.99 9.40
C THR B 201 -3.98 -21.97 10.83
N SER B 202 -4.70 -23.04 11.18
CA SER B 202 -5.18 -23.16 12.56
C SER B 202 -4.03 -23.16 13.55
N GLU B 203 -2.90 -23.77 13.18
CA GLU B 203 -1.76 -23.83 14.08
C GLU B 203 -1.14 -22.44 14.28
N VAL B 204 -0.94 -21.70 13.18
CA VAL B 204 -0.33 -20.38 13.32
C VAL B 204 -1.30 -19.42 13.98
N LEU B 205 -2.60 -19.53 13.70
CA LEU B 205 -3.58 -18.70 14.37
C LEU B 205 -3.60 -18.98 15.86
N SER B 206 -3.54 -20.26 16.24
CA SER B 206 -3.49 -20.62 17.66
C SER B 206 -2.29 -19.99 18.34
N TRP B 207 -1.12 -20.09 17.71
CA TRP B 207 0.09 -19.49 18.27
C TRP B 207 -0.10 -17.99 18.43
N LEU B 208 -0.55 -17.33 17.36
CA LEU B 208 -0.72 -15.89 17.40
C LEU B 208 -1.68 -15.47 18.51
N GLN B 209 -2.81 -16.17 18.62
CA GLN B 209 -3.82 -15.76 19.59
C GLN B 209 -3.35 -15.99 21.02
N GLN B 210 -2.49 -16.99 21.25
CA GLN B 210 -1.85 -17.11 22.55
C GLN B 210 -0.96 -15.91 22.83
N ALA B 211 -0.14 -15.51 21.86
CA ALA B 211 0.75 -14.38 22.04
C ALA B 211 -0.03 -13.10 22.27
N ILE B 212 -1.11 -12.90 21.53
CA ILE B 212 -1.95 -11.71 21.72
C ILE B 212 -2.53 -11.71 23.13
N GLY B 213 -2.99 -12.88 23.61
CA GLY B 213 -3.55 -12.95 24.94
C GLY B 213 -2.57 -12.50 26.01
N VAL B 214 -1.31 -12.92 25.90
CA VAL B 214 -0.29 -12.49 26.85
C VAL B 214 -0.12 -10.97 26.77
N ARG B 217 -3.01 -8.86 28.52
CA ARG B 217 -3.47 -9.33 29.82
C ARG B 217 -3.93 -8.18 30.72
N GLN B 218 -3.23 -7.05 30.71
CA GLN B 218 -3.71 -5.87 31.44
C GLN B 218 -4.84 -5.21 30.63
#